data_7SNB
#
_entry.id   7SNB
#
_cell.length_a   42.726
_cell.length_b   57.826
_cell.length_c   81.226
_cell.angle_alpha   90.000
_cell.angle_beta   90.000
_cell.angle_gamma   90.000
#
_symmetry.space_group_name_H-M   'P 21 21 21'
#
loop_
_entity.id
_entity.type
_entity.pdbx_description
1 polymer 'Fatty Acid Kinase A'
2 non-polymer GLYCEROL
3 non-polymer 'ADENOSINE MONOPHOSPHATE'
4 non-polymer "ADENOSINE-5'-DIPHOSPHATE"
5 non-polymer 'MAGNESIUM ION'
6 water water
#
_entity_poly.entity_id   1
_entity_poly.type   'polypeptide(L)'
_entity_poly.pdbx_seq_one_letter_code
;MGSSHHHHHHSSGLVPRGSHMISKINGKLFADMIIQGAQNLSNNADLVDSLNVYPVPDGDTGTNMNLTMTSGREEVENNL
SKNIGELGKTFSKGLLMGARGNSGVILSQLFRGFCKNIESESEINSKLLAESFQAGVETAYKAVMKPVEGTILTVAKDAA
QAAIEKANNTEDCIELMEYIIVKANESLENTPNLLAVLKEVGVVDSGGKGLLCVYEGFLKALKGEKVE
;
_entity_poly.pdbx_strand_id   A
#
loop_
_chem_comp.id
_chem_comp.type
_chem_comp.name
_chem_comp.formula
ADP non-polymer ADENOSINE-5'-DIPHOSPHATE 'C10 H15 N5 O10 P2'
AMP non-polymer 'ADENOSINE MONOPHOSPHATE' 'C10 H14 N5 O7 P'
GOL non-polymer GLYCEROL 'C3 H8 O3'
MG non-polymer 'MAGNESIUM ION' 'Mg 2'
#
# COMPACT_ATOMS: atom_id res chain seq x y z
N HIS A 6 12.05 -37.40 -12.64
CA HIS A 6 11.56 -36.03 -12.94
C HIS A 6 10.04 -35.96 -12.75
N HIS A 7 9.33 -35.46 -13.76
CA HIS A 7 7.89 -35.25 -13.71
C HIS A 7 7.27 -35.84 -14.97
N HIS A 8 5.94 -35.86 -15.01
CA HIS A 8 5.23 -36.05 -16.26
C HIS A 8 5.44 -34.83 -17.15
N HIS A 9 5.82 -35.05 -18.41
CA HIS A 9 6.00 -33.96 -19.35
C HIS A 9 4.63 -33.48 -19.83
N HIS A 10 4.26 -32.26 -19.47
CA HIS A 10 2.93 -31.73 -19.75
C HIS A 10 2.85 -31.25 -21.19
N SER A 11 1.76 -31.65 -21.87
CA SER A 11 1.53 -31.26 -23.26
C SER A 11 0.06 -31.06 -23.56
N SER A 12 -0.81 -30.99 -22.55
CA SER A 12 -2.24 -30.85 -22.78
C SER A 12 -2.53 -29.50 -23.42
N GLY A 13 -3.45 -29.50 -24.40
CA GLY A 13 -3.87 -28.25 -25.00
C GLY A 13 -4.92 -27.50 -24.22
N LEU A 14 -5.43 -28.08 -23.13
CA LEU A 14 -6.41 -27.38 -22.32
C LEU A 14 -5.75 -26.28 -21.50
N VAL A 15 -6.44 -25.15 -21.40
CA VAL A 15 -5.97 -24.01 -20.61
C VAL A 15 -6.70 -24.07 -19.27
N PRO A 16 -6.02 -23.84 -18.14
CA PRO A 16 -6.71 -23.94 -16.84
C PRO A 16 -7.93 -23.02 -16.77
N ARG A 17 -8.98 -23.50 -16.09
CA ARG A 17 -10.21 -22.75 -15.88
C ARG A 17 -10.08 -21.87 -14.63
N GLY A 18 -11.18 -21.21 -14.28
CA GLY A 18 -11.21 -20.32 -13.15
C GLY A 18 -11.17 -18.88 -13.58
N SER A 19 -11.76 -18.01 -12.77
CA SER A 19 -11.74 -16.59 -13.06
C SER A 19 -11.37 -15.71 -11.88
N HIS A 20 -11.04 -16.28 -10.73
CA HIS A 20 -10.75 -15.45 -9.56
C HIS A 20 -9.24 -15.26 -9.40
N MET A 21 -8.64 -14.66 -10.41
CA MET A 21 -7.23 -14.30 -10.40
C MET A 21 -7.09 -13.02 -11.19
N ILE A 22 -6.03 -12.28 -10.89
CA ILE A 22 -5.69 -11.04 -11.58
C ILE A 22 -4.25 -11.17 -12.01
N SER A 23 -4.01 -11.20 -13.31
CA SER A 23 -2.63 -11.22 -13.76
C SER A 23 -2.11 -9.88 -14.25
N LYS A 24 -3.00 -8.95 -14.62
CA LYS A 24 -2.63 -7.62 -15.10
C LYS A 24 -3.51 -6.58 -14.42
N ILE A 25 -2.90 -5.46 -14.00
CA ILE A 25 -3.58 -4.35 -13.35
C ILE A 25 -3.50 -3.14 -14.27
N ASN A 26 -4.64 -2.75 -14.85
CA ASN A 26 -4.69 -1.55 -15.67
C ASN A 26 -5.01 -0.33 -14.82
N GLY A 27 -5.16 0.82 -15.47
CA GLY A 27 -5.36 2.06 -14.73
C GLY A 27 -6.66 2.09 -13.97
N LYS A 28 -7.70 1.43 -14.49
CA LYS A 28 -8.97 1.43 -13.78
C LYS A 28 -8.92 0.52 -12.55
N LEU A 29 -8.25 -0.62 -12.65
CA LEU A 29 -8.11 -1.45 -11.46
C LEU A 29 -7.27 -0.73 -10.40
N PHE A 30 -6.21 -0.05 -10.82
CA PHE A 30 -5.42 0.72 -9.85
C PHE A 30 -6.28 1.80 -9.22
N ALA A 31 -7.09 2.50 -10.03
CA ALA A 31 -8.00 3.49 -9.47
C ALA A 31 -8.95 2.86 -8.45
N ASP A 32 -9.49 1.68 -8.74
CA ASP A 32 -10.36 1.02 -7.79
C ASP A 32 -9.60 0.67 -6.50
N MET A 33 -8.36 0.22 -6.62
CA MET A 33 -7.53 -0.01 -5.45
C MET A 33 -7.37 1.23 -4.59
N ILE A 34 -7.08 2.33 -5.23
CA ILE A 34 -6.93 3.61 -4.53
C ILE A 34 -8.22 3.99 -3.85
N ILE A 35 -9.34 3.87 -4.56
CA ILE A 35 -10.61 4.30 -4.01
C ILE A 35 -11.02 3.45 -2.82
N GLN A 36 -10.87 2.12 -2.92
CA GLN A 36 -11.25 1.25 -1.81
C GLN A 36 -10.25 1.35 -0.65
N GLY A 37 -8.97 1.51 -0.96
CA GLY A 37 -8.00 1.77 0.09
C GLY A 37 -8.32 3.04 0.84
N ALA A 38 -8.65 4.11 0.11
CA ALA A 38 -9.04 5.37 0.75
C ALA A 38 -10.28 5.17 1.60
N GLN A 39 -11.28 4.47 1.09
CA GLN A 39 -12.49 4.30 1.86
C GLN A 39 -12.26 3.49 3.13
N ASN A 40 -11.47 2.43 3.03
CA ASN A 40 -11.21 1.61 4.21
C ASN A 40 -10.44 2.42 5.26
N LEU A 41 -9.47 3.23 4.83
CA LEU A 41 -8.77 4.10 5.77
C LEU A 41 -9.72 5.09 6.39
N SER A 42 -10.60 5.70 5.58
CA SER A 42 -11.55 6.66 6.13
C SER A 42 -12.40 6.02 7.22
N ASN A 43 -12.86 4.79 6.98
CA ASN A 43 -13.68 4.09 7.95
C ASN A 43 -12.94 3.79 9.24
N ASN A 44 -11.61 3.75 9.21
CA ASN A 44 -10.78 3.41 10.35
C ASN A 44 -10.05 4.60 10.92
N ALA A 45 -10.35 5.80 10.43
CA ALA A 45 -9.55 6.96 10.79
C ALA A 45 -9.64 7.26 12.29
N ASP A 46 -10.81 7.14 12.89
CA ASP A 46 -10.92 7.46 14.32
C ASP A 46 -10.10 6.50 15.17
N LEU A 47 -10.10 5.23 14.80
CA LEU A 47 -9.27 4.28 15.51
C LEU A 47 -7.81 4.62 15.34
N VAL A 48 -7.40 4.89 14.11
CA VAL A 48 -5.99 5.17 13.87
C VAL A 48 -5.54 6.42 14.62
N ASP A 49 -6.42 7.43 14.71
CA ASP A 49 -6.13 8.62 15.51
C ASP A 49 -5.88 8.25 16.96
N SER A 50 -6.75 7.42 17.50
CA SER A 50 -6.68 7.12 18.92
C SER A 50 -5.43 6.33 19.29
N LEU A 51 -4.88 5.56 18.33
CA LEU A 51 -3.64 4.81 18.58
C LEU A 51 -2.41 5.71 18.61
N ASN A 52 -2.49 6.94 18.13
CA ASN A 52 -1.29 7.75 17.94
C ASN A 52 -0.65 8.10 19.27
N VAL A 53 0.61 7.70 19.43
CA VAL A 53 1.42 8.06 20.59
C VAL A 53 2.77 8.62 20.19
N TYR A 54 3.26 8.37 18.97
CA TYR A 54 4.60 8.74 18.57
C TYR A 54 4.51 9.57 17.30
N PRO A 55 5.31 10.67 17.21
N PRO A 55 5.29 10.64 17.20
CA PRO A 55 6.23 11.13 18.25
CA PRO A 55 6.22 11.18 18.19
C PRO A 55 5.55 11.87 19.40
C PRO A 55 5.51 11.77 19.42
N VAL A 56 4.31 12.29 19.23
CA VAL A 56 3.50 12.94 20.25
C VAL A 56 2.10 12.31 20.21
N PRO A 57 1.43 12.15 21.32
CA PRO A 57 0.09 11.57 21.31
C PRO A 57 -0.97 12.60 21.01
N ASP A 58 -0.96 13.14 19.79
CA ASP A 58 -1.81 14.27 19.43
C ASP A 58 -3.05 13.88 18.65
N GLY A 59 -3.36 12.59 18.59
CA GLY A 59 -4.67 12.13 18.18
C GLY A 59 -5.03 12.39 16.74
N ASP A 60 -4.06 12.34 15.84
CA ASP A 60 -4.35 12.79 14.50
C ASP A 60 -3.85 11.91 13.37
N THR A 61 -3.21 10.75 13.62
CA THR A 61 -2.63 10.02 12.50
C THR A 61 -3.68 9.64 11.49
N GLY A 62 -4.81 9.14 11.97
CA GLY A 62 -5.84 8.69 11.04
C GLY A 62 -6.41 9.83 10.22
N THR A 63 -6.67 10.96 10.86
CA THR A 63 -7.13 12.14 10.16
C THR A 63 -6.11 12.59 9.13
N ASN A 64 -4.84 12.61 9.52
CA ASN A 64 -3.79 13.05 8.62
C ASN A 64 -3.71 12.15 7.41
N MET A 65 -3.69 10.83 7.64
CA MET A 65 -3.62 9.89 6.53
C MET A 65 -4.87 9.94 5.68
N ASN A 66 -6.02 10.03 6.31
CA ASN A 66 -7.28 10.11 5.58
C ASN A 66 -7.31 11.33 4.68
N LEU A 67 -6.94 12.49 5.20
CA LEU A 67 -6.95 13.69 4.35
C LEU A 67 -5.99 13.57 3.21
N THR A 68 -4.81 13.00 3.45
CA THR A 68 -3.82 12.84 2.40
C THR A 68 -4.35 11.90 1.33
N MET A 69 -4.82 10.74 1.72
CA MET A 69 -5.31 9.76 0.76
C MET A 69 -6.51 10.31 0.03
N THR A 70 -7.36 11.07 0.70
CA THR A 70 -8.53 11.65 0.07
C THR A 70 -8.12 12.60 -1.05
N SER A 71 -7.06 13.38 -0.83
CA SER A 71 -6.57 14.26 -1.88
C SER A 71 -6.15 13.45 -3.10
N GLY A 72 -5.47 12.32 -2.90
CA GLY A 72 -5.15 11.47 -4.04
C GLY A 72 -6.39 10.86 -4.69
N ARG A 73 -7.29 10.34 -3.88
CA ARG A 73 -8.51 9.74 -4.41
C ARG A 73 -9.30 10.73 -5.24
N GLU A 74 -9.44 11.96 -4.80
CA GLU A 74 -10.27 12.92 -5.54
C GLU A 74 -9.64 13.25 -6.88
N GLU A 75 -8.31 13.39 -6.96
CA GLU A 75 -7.68 13.60 -8.26
C GLU A 75 -7.93 12.41 -9.17
N VAL A 76 -7.83 11.19 -8.64
CA VAL A 76 -8.06 9.98 -9.43
C VAL A 76 -9.48 9.94 -9.94
N GLU A 77 -10.47 10.17 -9.07
CA GLU A 77 -11.86 10.04 -9.48
C GLU A 77 -12.20 11.04 -10.56
N ASN A 78 -11.54 12.17 -10.59
CA ASN A 78 -11.82 13.20 -11.56
C ASN A 78 -11.02 13.02 -12.85
N ASN A 79 -10.09 12.06 -12.89
CA ASN A 79 -9.20 11.90 -14.02
C ASN A 79 -8.81 10.44 -14.20
N LEU A 80 -9.78 9.63 -14.55
CA LEU A 80 -9.51 8.22 -14.72
C LEU A 80 -8.83 7.96 -16.07
N SER A 81 -8.13 6.84 -16.14
CA SER A 81 -7.46 6.42 -17.37
C SER A 81 -7.28 4.92 -17.35
N LYS A 82 -7.26 4.30 -18.54
CA LYS A 82 -6.91 2.90 -18.62
C LYS A 82 -5.42 2.68 -18.43
N ASN A 83 -4.61 3.73 -18.57
CA ASN A 83 -3.14 3.62 -18.55
C ASN A 83 -2.67 3.78 -17.11
N ILE A 84 -2.10 2.72 -16.55
CA ILE A 84 -1.78 2.75 -15.12
C ILE A 84 -0.73 3.80 -14.83
N GLY A 85 0.23 4.02 -15.72
CA GLY A 85 1.26 5.00 -15.44
C GLY A 85 0.69 6.40 -15.35
N GLU A 86 -0.23 6.74 -16.24
N GLU A 86 -0.23 6.74 -16.25
CA GLU A 86 -0.84 8.07 -16.17
CA GLU A 86 -0.89 8.04 -16.20
C GLU A 86 -1.72 8.18 -14.93
C GLU A 86 -1.73 8.17 -14.96
N LEU A 87 -2.47 7.13 -14.61
CA LEU A 87 -3.30 7.18 -13.41
C LEU A 87 -2.42 7.36 -12.17
N GLY A 88 -1.28 6.68 -12.13
CA GLY A 88 -0.37 6.87 -11.02
C GLY A 88 0.16 8.28 -10.92
N LYS A 89 0.42 8.94 -12.05
CA LYS A 89 0.84 10.34 -12.01
C LYS A 89 -0.23 11.21 -11.36
N THR A 90 -1.49 10.95 -11.70
CA THR A 90 -2.61 11.69 -11.11
C THR A 90 -2.70 11.45 -9.61
N PHE A 91 -2.63 10.18 -9.21
CA PHE A 91 -2.70 9.84 -7.79
C PHE A 91 -1.55 10.47 -7.02
N SER A 92 -0.34 10.32 -7.52
CA SER A 92 0.86 10.86 -6.85
C SER A 92 0.72 12.36 -6.64
N LYS A 93 0.32 13.08 -7.69
CA LYS A 93 0.14 14.52 -7.58
C LYS A 93 -0.86 14.86 -6.48
N GLY A 94 -2.00 14.18 -6.45
CA GLY A 94 -2.99 14.46 -5.43
C GLY A 94 -2.45 14.23 -4.03
N LEU A 95 -1.72 13.14 -3.81
CA LEU A 95 -1.18 12.90 -2.48
C LEU A 95 -0.19 13.99 -2.10
N LEU A 96 0.69 14.35 -3.03
CA LEU A 96 1.80 15.25 -2.73
C LEU A 96 1.34 16.68 -2.50
N MET A 97 0.20 17.07 -3.04
CA MET A 97 -0.36 18.38 -2.79
C MET A 97 -1.34 18.39 -1.63
N GLY A 98 -1.49 17.27 -0.93
CA GLY A 98 -2.43 17.17 0.17
C GLY A 98 -1.87 16.51 1.40
N ALA A 99 -0.57 16.36 1.50
CA ALA A 99 -0.01 15.55 2.55
C ALA A 99 -0.02 16.30 3.87
N ARG A 100 -0.41 15.58 4.92
CA ARG A 100 -0.53 16.11 6.27
C ARG A 100 0.10 15.15 7.27
N GLY A 101 0.79 15.72 8.25
CA GLY A 101 1.34 14.94 9.34
C GLY A 101 2.56 14.17 8.92
N ASN A 102 3.22 13.56 9.89
CA ASN A 102 4.32 12.68 9.56
C ASN A 102 3.81 11.54 8.70
N SER A 103 2.67 10.99 9.08
CA SER A 103 2.13 9.83 8.41
C SER A 103 1.69 10.14 6.99
N GLY A 104 1.02 11.25 6.78
CA GLY A 104 0.57 11.59 5.43
C GLY A 104 1.72 11.96 4.52
N VAL A 105 2.73 12.64 5.03
CA VAL A 105 3.91 12.89 4.24
C VAL A 105 4.55 11.58 3.84
N ILE A 106 4.78 10.69 4.80
CA ILE A 106 5.39 9.41 4.45
C ILE A 106 4.53 8.64 3.45
N LEU A 107 3.23 8.59 3.68
CA LEU A 107 2.34 7.91 2.73
C LEU A 107 2.50 8.46 1.32
N SER A 108 2.54 9.78 1.19
CA SER A 108 2.67 10.40 -0.13
C SER A 108 4.01 10.06 -0.77
N GLN A 109 5.05 9.88 0.03
CA GLN A 109 6.35 9.53 -0.52
C GLN A 109 6.43 8.05 -0.90
N LEU A 110 5.83 7.17 -0.10
CA LEU A 110 5.72 5.77 -0.50
C LEU A 110 5.06 5.67 -1.86
N PHE A 111 3.94 6.35 -2.03
CA PHE A 111 3.25 6.25 -3.32
C PHE A 111 3.89 7.06 -4.41
N ARG A 112 4.61 8.13 -4.10
CA ARG A 112 5.39 8.79 -5.14
C ARG A 112 6.36 7.81 -5.78
N GLY A 113 7.08 7.06 -4.96
CA GLY A 113 8.05 6.11 -5.49
C GLY A 113 7.40 4.95 -6.21
N PHE A 114 6.31 4.45 -5.67
CA PHE A 114 5.54 3.38 -6.32
C PHE A 114 5.11 3.83 -7.71
N CYS A 115 4.48 5.00 -7.78
CA CYS A 115 3.93 5.47 -9.07
C CYS A 115 5.03 5.82 -10.05
N LYS A 116 6.14 6.40 -9.60
CA LYS A 116 7.24 6.70 -10.51
C LYS A 116 7.73 5.41 -11.17
N ASN A 117 7.74 4.32 -10.42
CA ASN A 117 8.28 3.07 -10.94
C ASN A 117 7.46 2.51 -12.09
N ILE A 118 6.20 2.91 -12.22
CA ILE A 118 5.29 2.41 -13.27
C ILE A 118 4.87 3.49 -14.25
N GLU A 119 5.54 4.63 -14.26
CA GLU A 119 5.03 5.79 -14.98
C GLU A 119 4.87 5.55 -16.46
N SER A 120 5.67 4.67 -17.05
N SER A 120 5.66 4.67 -17.05
CA SER A 120 5.59 4.43 -18.49
CA SER A 120 5.61 4.41 -18.48
C SER A 120 4.70 3.26 -18.87
C SER A 120 4.87 3.13 -18.84
N GLU A 121 4.15 2.52 -17.90
CA GLU A 121 3.41 1.31 -18.16
C GLU A 121 1.95 1.61 -18.40
N SER A 122 1.32 0.73 -19.16
CA SER A 122 -0.12 0.75 -19.33
C SER A 122 -0.83 -0.20 -18.38
N GLU A 123 -0.23 -1.36 -18.11
CA GLU A 123 -0.70 -2.24 -17.07
C GLU A 123 0.53 -2.85 -16.43
N ILE A 124 0.36 -3.41 -15.24
CA ILE A 124 1.46 -4.06 -14.54
C ILE A 124 1.09 -5.48 -14.12
N ASN A 125 2.11 -6.34 -13.99
CA ASN A 125 1.92 -7.69 -13.48
C ASN A 125 2.35 -7.77 -12.02
N SER A 126 2.34 -8.99 -11.47
CA SER A 126 2.61 -9.13 -10.04
C SER A 126 4.04 -8.77 -9.70
N LYS A 127 4.99 -9.09 -10.58
CA LYS A 127 6.38 -8.76 -10.30
C LYS A 127 6.59 -7.26 -10.27
N LEU A 128 5.96 -6.54 -11.21
CA LEU A 128 6.11 -5.09 -11.23
C LEU A 128 5.35 -4.47 -10.05
N LEU A 129 4.22 -5.03 -9.65
CA LEU A 129 3.55 -4.57 -8.44
C LEU A 129 4.51 -4.65 -7.25
N ALA A 130 5.14 -5.79 -7.04
CA ALA A 130 6.09 -5.96 -5.94
C ALA A 130 7.24 -4.98 -6.04
N GLU A 131 7.83 -4.84 -7.24
N GLU A 131 7.81 -4.82 -7.23
CA GLU A 131 8.94 -3.93 -7.45
CA GLU A 131 8.95 -3.91 -7.38
C GLU A 131 8.53 -2.50 -7.10
C GLU A 131 8.54 -2.48 -7.11
N SER A 132 7.28 -2.16 -7.36
CA SER A 132 6.80 -0.79 -7.11
C SER A 132 6.62 -0.54 -5.63
N PHE A 133 6.12 -1.51 -4.87
CA PHE A 133 6.14 -1.34 -3.43
C PHE A 133 7.57 -1.15 -2.93
N GLN A 134 8.52 -1.93 -3.41
CA GLN A 134 9.92 -1.75 -3.02
C GLN A 134 10.43 -0.36 -3.36
N ALA A 135 10.12 0.13 -4.56
CA ALA A 135 10.58 1.46 -4.94
C ALA A 135 10.00 2.51 -4.01
N GLY A 136 8.75 2.30 -3.60
CA GLY A 136 8.12 3.25 -2.69
C GLY A 136 8.84 3.31 -1.35
N VAL A 137 9.25 2.16 -0.82
CA VAL A 137 9.96 2.10 0.44
C VAL A 137 11.27 2.86 0.33
N GLU A 138 12.01 2.65 -0.76
N GLU A 138 11.98 2.70 -0.78
CA GLU A 138 13.24 3.39 -0.95
CA GLU A 138 13.25 3.39 -0.92
C GLU A 138 12.98 4.89 -0.87
C GLU A 138 13.06 4.90 -0.96
N THR A 139 12.02 5.36 -1.66
CA THR A 139 11.72 6.79 -1.71
C THR A 139 11.38 7.33 -0.33
N ALA A 140 10.56 6.61 0.40
CA ALA A 140 10.13 7.10 1.71
C ALA A 140 11.28 7.13 2.71
N TYR A 141 12.11 6.09 2.76
CA TYR A 141 13.25 6.15 3.67
C TYR A 141 14.16 7.32 3.31
N LYS A 142 14.35 7.59 2.01
CA LYS A 142 15.23 8.67 1.64
C LYS A 142 14.63 10.02 2.01
N ALA A 143 13.31 10.11 2.04
CA ALA A 143 12.67 11.39 2.35
C ALA A 143 12.70 11.75 3.82
N VAL A 144 12.78 10.78 4.69
CA VAL A 144 12.78 11.02 6.14
C VAL A 144 14.22 11.17 6.59
N MET A 145 14.53 12.29 7.26
CA MET A 145 15.93 12.59 7.55
C MET A 145 16.46 11.60 8.58
N LYS A 146 15.65 11.25 9.57
CA LYS A 146 16.06 10.33 10.62
C LYS A 146 15.00 9.26 10.79
N PRO A 147 15.01 8.25 9.94
CA PRO A 147 14.01 7.17 10.06
C PRO A 147 14.14 6.45 11.39
N VAL A 148 12.99 6.09 11.95
CA VAL A 148 12.85 5.33 13.19
C VAL A 148 12.09 4.05 12.91
N GLU A 149 12.57 2.94 13.45
CA GLU A 149 11.92 1.65 13.26
C GLU A 149 10.78 1.45 14.26
N GLY A 150 9.86 0.58 13.88
CA GLY A 150 8.64 0.38 14.61
C GLY A 150 7.50 1.25 14.13
N THR A 151 7.57 1.68 12.87
CA THR A 151 6.72 2.73 12.36
C THR A 151 6.12 2.32 11.01
N ILE A 152 5.47 3.27 10.35
CA ILE A 152 4.96 3.05 9.00
C ILE A 152 6.06 2.62 8.06
N LEU A 153 7.27 3.13 8.24
CA LEU A 153 8.37 2.73 7.37
C LEU A 153 8.68 1.26 7.51
N THR A 154 8.69 0.76 8.75
CA THR A 154 8.97 -0.65 9.01
C THR A 154 7.93 -1.52 8.36
N VAL A 155 6.68 -1.18 8.55
CA VAL A 155 5.61 -2.00 7.99
C VAL A 155 5.69 -1.99 6.47
N ALA A 156 5.90 -0.83 5.88
CA ALA A 156 6.01 -0.79 4.42
C ALA A 156 7.20 -1.60 3.92
N LYS A 157 8.32 -1.50 4.59
CA LYS A 157 9.51 -2.25 4.21
C LYS A 157 9.27 -3.74 4.28
N ASP A 158 8.68 -4.22 5.37
CA ASP A 158 8.42 -5.64 5.51
C ASP A 158 7.38 -6.11 4.49
N ALA A 159 6.39 -5.29 4.22
CA ALA A 159 5.40 -5.64 3.20
C ALA A 159 6.04 -5.77 1.82
N ALA A 160 6.96 -4.86 1.48
CA ALA A 160 7.60 -4.91 0.18
C ALA A 160 8.54 -6.09 0.05
N GLN A 161 9.23 -6.44 1.12
CA GLN A 161 10.08 -7.63 1.09
C GLN A 161 9.23 -8.87 0.84
N ALA A 162 8.10 -8.97 1.53
CA ALA A 162 7.18 -10.07 1.29
C ALA A 162 6.72 -10.08 -0.16
N ALA A 163 6.43 -8.92 -0.70
CA ALA A 163 5.94 -8.84 -2.07
C ALA A 163 6.97 -9.38 -3.04
N ILE A 164 8.22 -8.98 -2.89
CA ILE A 164 9.25 -9.39 -3.83
C ILE A 164 9.44 -10.89 -3.76
N GLU A 165 9.47 -11.45 -2.54
CA GLU A 165 9.66 -12.89 -2.39
C GLU A 165 8.52 -13.66 -3.03
N LYS A 166 7.30 -13.25 -2.76
CA LYS A 166 6.13 -14.00 -3.22
C LYS A 166 5.93 -13.85 -4.72
N ALA A 167 6.18 -12.67 -5.27
CA ALA A 167 5.88 -12.46 -6.68
C ALA A 167 6.79 -13.27 -7.58
N ASN A 168 7.95 -13.68 -7.07
CA ASN A 168 8.90 -14.44 -7.87
C ASN A 168 8.28 -15.75 -8.34
N ASN A 169 7.28 -16.28 -7.63
CA ASN A 169 6.60 -17.50 -8.07
C ASN A 169 5.08 -17.41 -8.09
N THR A 170 4.51 -16.20 -8.06
CA THR A 170 3.06 -16.00 -7.96
C THR A 170 2.63 -15.00 -9.03
N GLU A 171 1.91 -15.45 -10.05
CA GLU A 171 1.37 -14.55 -11.07
C GLU A 171 0.11 -13.82 -10.63
N ASP A 172 -0.66 -14.41 -9.73
CA ASP A 172 -1.93 -13.86 -9.30
C ASP A 172 -1.72 -12.72 -8.31
N CYS A 173 -2.18 -11.52 -8.67
CA CYS A 173 -2.05 -10.36 -7.80
C CYS A 173 -2.95 -10.45 -6.60
N ILE A 174 -4.05 -11.19 -6.64
CA ILE A 174 -4.88 -11.38 -5.45
C ILE A 174 -4.09 -12.17 -4.40
N GLU A 175 -3.57 -13.32 -4.79
CA GLU A 175 -2.76 -14.12 -3.87
C GLU A 175 -1.57 -13.32 -3.36
N LEU A 176 -0.93 -12.57 -4.25
CA LEU A 176 0.21 -11.75 -3.84
C LEU A 176 -0.21 -10.75 -2.77
N MET A 177 -1.31 -10.03 -3.01
CA MET A 177 -1.73 -9.00 -2.06
C MET A 177 -2.19 -9.62 -0.75
N GLU A 178 -2.81 -10.80 -0.79
CA GLU A 178 -3.18 -11.49 0.44
C GLU A 178 -1.94 -11.77 1.29
N TYR A 179 -0.86 -12.22 0.66
CA TYR A 179 0.37 -12.51 1.37
C TYR A 179 1.03 -11.25 1.91
N ILE A 180 1.04 -10.20 1.10
CA ILE A 180 1.55 -8.92 1.56
C ILE A 180 0.84 -8.47 2.83
N ILE A 181 -0.48 -8.62 2.88
CA ILE A 181 -1.25 -8.20 4.05
C ILE A 181 -0.90 -9.06 5.25
N VAL A 182 -0.78 -10.38 5.08
CA VAL A 182 -0.39 -11.24 6.19
C VAL A 182 0.93 -10.76 6.77
N LYS A 183 1.92 -10.51 5.90
CA LYS A 183 3.24 -10.16 6.38
C LYS A 183 3.29 -8.73 6.90
N ALA A 184 2.53 -7.82 6.30
CA ALA A 184 2.42 -6.47 6.84
C ALA A 184 1.79 -6.49 8.22
N ASN A 185 0.80 -7.33 8.42
N ASN A 185 0.75 -7.29 8.40
CA ASN A 185 0.17 -7.43 9.73
CA ASN A 185 0.15 -7.50 9.72
C ASN A 185 1.13 -8.01 10.77
C ASN A 185 1.22 -7.93 10.73
N GLU A 186 1.96 -8.98 10.39
CA GLU A 186 2.98 -9.48 11.31
C GLU A 186 3.93 -8.38 11.70
N SER A 187 4.35 -7.59 10.72
CA SER A 187 5.25 -6.49 11.01
C SER A 187 4.59 -5.47 11.92
N LEU A 188 3.34 -5.12 11.63
CA LEU A 188 2.62 -4.16 12.47
C LEU A 188 2.54 -4.65 13.91
N GLU A 189 2.22 -5.93 14.10
CA GLU A 189 2.13 -6.47 15.46
C GLU A 189 3.46 -6.52 16.17
N ASN A 190 4.57 -6.46 15.42
CA ASN A 190 5.92 -6.47 15.98
C ASN A 190 6.41 -5.05 16.27
N THR A 191 5.72 -4.03 15.78
CA THR A 191 6.19 -2.66 16.01
C THR A 191 6.46 -2.33 17.47
N PRO A 192 5.68 -2.80 18.45
CA PRO A 192 6.02 -2.47 19.85
C PRO A 192 7.34 -3.05 20.31
N ASN A 193 7.87 -4.06 19.64
CA ASN A 193 9.17 -4.61 19.98
C ASN A 193 10.31 -3.78 19.44
N LEU A 194 10.04 -2.76 18.63
CA LEU A 194 11.05 -1.87 18.09
C LEU A 194 11.01 -0.48 18.66
N LEU A 195 9.83 -0.01 19.05
CA LEU A 195 9.62 1.38 19.47
C LEU A 195 9.01 1.34 20.87
N ALA A 196 9.77 1.82 21.86
CA ALA A 196 9.44 1.56 23.26
C ALA A 196 8.08 2.10 23.67
N VAL A 197 7.73 3.31 23.24
CA VAL A 197 6.48 3.88 23.70
C VAL A 197 5.28 3.04 23.30
N LEU A 198 5.35 2.35 22.15
CA LEU A 198 4.25 1.50 21.73
C LEU A 198 4.03 0.40 22.74
N LYS A 199 5.12 -0.25 23.16
CA LYS A 199 4.99 -1.34 24.11
C LYS A 199 4.54 -0.83 25.49
N GLU A 200 5.03 0.34 25.89
CA GLU A 200 4.66 0.90 27.18
C GLU A 200 3.20 1.25 27.24
N VAL A 201 2.65 1.84 26.17
CA VAL A 201 1.23 2.19 26.15
C VAL A 201 0.37 1.01 25.82
N GLY A 202 0.89 0.05 25.06
CA GLY A 202 0.13 -1.12 24.66
C GLY A 202 -0.61 -1.00 23.34
N VAL A 203 -0.01 -0.35 22.36
CA VAL A 203 -0.61 -0.13 21.04
C VAL A 203 0.38 -0.51 19.95
N VAL A 204 -0.14 -0.80 18.76
CA VAL A 204 0.70 -0.88 17.57
C VAL A 204 0.90 0.52 17.00
N ASP A 205 1.80 0.65 16.03
CA ASP A 205 2.04 1.95 15.43
C ASP A 205 0.83 2.43 14.64
N SER A 206 0.44 3.68 14.87
CA SER A 206 -0.73 4.25 14.20
C SER A 206 -0.50 4.41 12.70
N GLY A 207 0.65 4.92 12.28
CA GLY A 207 0.92 5.05 10.85
C GLY A 207 0.89 3.71 10.16
N GLY A 208 1.50 2.71 10.76
CA GLY A 208 1.48 1.37 10.19
C GLY A 208 0.07 0.80 10.10
N LYS A 209 -0.77 1.06 11.10
CA LYS A 209 -2.16 0.60 11.05
C LYS A 209 -2.89 1.27 9.90
N GLY A 210 -2.69 2.57 9.71
CA GLY A 210 -3.32 3.25 8.58
C GLY A 210 -2.87 2.68 7.26
N LEU A 211 -1.59 2.38 7.13
CA LEU A 211 -1.11 1.77 5.89
C LEU A 211 -1.76 0.42 5.66
N LEU A 212 -1.90 -0.41 6.69
N LEU A 212 -1.86 -0.39 6.69
CA LEU A 212 -2.56 -1.71 6.53
CA LEU A 212 -2.54 -1.66 6.55
C LEU A 212 -4.03 -1.54 6.12
C LEU A 212 -3.95 -1.47 6.03
N CYS A 213 -4.67 -0.48 6.56
CA CYS A 213 -6.04 -0.23 6.12
C CYS A 213 -6.07 0.04 4.61
N VAL A 214 -5.12 0.83 4.11
CA VAL A 214 -5.06 1.05 2.68
C VAL A 214 -4.83 -0.27 1.93
N TYR A 215 -3.88 -1.08 2.38
CA TYR A 215 -3.60 -2.35 1.72
C TYR A 215 -4.80 -3.28 1.71
N GLU A 216 -5.56 -3.33 2.79
N GLU A 216 -5.54 -3.35 2.81
CA GLU A 216 -6.75 -4.16 2.82
CA GLU A 216 -6.74 -4.16 2.82
C GLU A 216 -7.80 -3.68 1.83
C GLU A 216 -7.72 -3.69 1.75
N GLY A 217 -7.90 -2.37 1.60
CA GLY A 217 -8.76 -1.88 0.53
C GLY A 217 -8.23 -2.25 -0.86
N PHE A 218 -6.92 -2.20 -1.04
CA PHE A 218 -6.35 -2.68 -2.30
C PHE A 218 -6.83 -4.08 -2.61
N LEU A 219 -6.77 -4.98 -1.60
CA LEU A 219 -7.17 -6.36 -1.83
C LEU A 219 -8.63 -6.45 -2.22
N LYS A 220 -9.50 -5.70 -1.54
CA LYS A 220 -10.91 -5.73 -1.87
C LYS A 220 -11.13 -5.38 -3.33
N ALA A 221 -10.44 -4.35 -3.80
CA ALA A 221 -10.60 -3.94 -5.19
C ALA A 221 -10.08 -4.99 -6.16
N LEU A 222 -8.98 -5.66 -5.81
CA LEU A 222 -8.47 -6.72 -6.67
C LEU A 222 -9.45 -7.86 -6.82
N LYS A 223 -10.26 -8.10 -5.80
CA LYS A 223 -11.30 -9.11 -5.86
C LYS A 223 -12.57 -8.62 -6.52
N GLY A 224 -12.59 -7.37 -6.99
CA GLY A 224 -13.78 -6.84 -7.63
C GLY A 224 -14.84 -6.42 -6.65
N GLU A 225 -14.47 -6.17 -5.41
CA GLU A 225 -15.40 -5.89 -4.33
C GLU A 225 -15.24 -4.44 -3.85
N LYS A 226 -16.21 -4.01 -3.06
CA LYS A 226 -16.22 -2.67 -2.50
C LYS A 226 -16.22 -2.74 -0.98
N VAL A 227 -15.61 -1.75 -0.38
CA VAL A 227 -15.56 -1.62 1.06
C VAL A 227 -16.94 -1.27 1.62
C1 GOL B . 14.26 6.95 20.46
O1 GOL B . 14.40 7.79 21.57
C2 GOL B . 12.81 7.05 19.89
O2 GOL B . 12.54 8.38 19.47
C3 GOL B . 12.74 6.05 18.70
O3 GOL B . 12.98 4.70 19.13
H11 GOL B . 14.43 6.02 20.68
H12 GOL B . 14.88 7.17 19.75
H2 GOL B . 12.16 6.82 20.57
HO2 GOL B . 12.98 8.92 19.96
H31 GOL B . 13.38 6.35 18.04
H32 GOL B . 11.88 6.16 18.29
HO3 GOL B . 12.52 4.56 19.82
C1 GOL C . -10.79 10.43 -18.67
O1 GOL C . -11.11 11.32 -17.64
C2 GOL C . -11.42 10.97 -19.97
O2 GOL C . -10.81 10.46 -21.11
C3 GOL C . -12.90 10.58 -19.89
O3 GOL C . -13.48 11.35 -18.88
H11 GOL C . -11.13 9.54 -18.51
H12 GOL C . -9.84 10.34 -18.79
HO1 GOL C . -11.73 10.94 -17.19
H2 GOL C . -11.31 11.94 -20.02
HO2 GOL C . -10.00 10.70 -21.10
H31 GOL C . -12.96 9.62 -19.73
H32 GOL C . -13.31 10.72 -20.76
HO3 GOL C . -13.44 12.15 -19.13
P AMP D . 1.25 11.65 12.53
O1P AMP D . 0.49 11.46 13.81
O2P AMP D . 0.39 11.81 11.30
O3P AMP D . 2.27 12.73 12.64
O5' AMP D . 2.00 10.29 12.21
C5' AMP D . 2.69 9.55 13.20
C4' AMP D . 3.31 8.36 12.55
O4' AMP D . 4.35 8.81 11.67
C3' AMP D . 4.00 7.38 13.47
O3' AMP D . 3.08 6.53 14.13
C2' AMP D . 4.96 6.68 12.52
O2' AMP D . 4.30 5.68 11.74
C1' AMP D . 5.36 7.82 11.58
N9 AMP D . 6.63 8.47 11.92
C8 AMP D . 6.81 9.60 12.66
N7 AMP D . 8.10 9.91 12.73
C5 AMP D . 8.78 8.94 12.08
C6 AMP D . 10.17 8.66 11.78
N6 AMP D . 11.15 9.43 12.22
N1 AMP D . 10.44 7.53 11.08
C2 AMP D . 9.44 6.76 10.64
N3 AMP D . 8.14 6.94 10.82
C4 AMP D . 7.81 8.01 11.54
H5'1 AMP D . 2.00 9.25 13.99
H5'2 AMP D . 3.47 10.17 13.66
H4' AMP D . 2.54 7.82 11.99
H3' AMP D . 4.61 7.92 14.22
H2' AMP D . 5.83 6.28 13.07
HO2' AMP D . 4.62 4.80 11.99
H1' AMP D . 5.42 7.39 10.57
H8 AMP D . 6.01 10.17 13.12
HN61 AMP D . 12.09 9.18 12.01
HN62 AMP D . 10.94 10.25 12.76
H2 AMP D . 9.74 5.88 10.07
PB ADP E . 2.39 13.98 13.68
O1B ADP E . 3.58 13.90 14.60
O2B ADP E . 2.59 14.80 12.42
O3B ADP E . 1.16 14.34 14.52
PA ADP E . 0.97 11.58 12.77
O1A ADP E . 0.01 11.38 13.92
O2A ADP E . 0.58 12.22 11.44
O3A ADP E . 2.26 12.41 13.28
O5' ADP E . 1.63 10.15 12.43
C5' ADP E . 2.25 9.35 13.44
C4' ADP E . 2.96 8.22 12.71
O4' ADP E . 3.92 8.78 11.81
C3' ADP E . 3.72 7.22 13.58
O3' ADP E . 2.89 6.14 13.97
C2' ADP E . 4.91 6.81 12.70
O2' ADP E . 4.72 5.64 11.93
C1' ADP E . 5.06 7.92 11.66
N9 ADP E . 6.35 8.59 11.88
C8 ADP E . 6.55 9.80 12.46
N7 ADP E . 7.87 10.10 12.48
C5 ADP E . 8.52 9.06 11.92
C6 ADP E . 9.93 8.70 11.62
N6 ADP E . 10.95 9.53 11.94
N1 ADP E . 10.17 7.52 11.02
C2 ADP E . 9.18 6.68 10.69
N3 ADP E . 7.88 6.93 10.92
C4 ADP E . 7.51 8.08 11.52
H5'1 ADP E . 1.51 8.96 14.13
H5'2 ADP E . 2.97 9.93 14.01
H4' ADP E . 2.14 7.66 12.23
H3' ADP E . 4.07 7.63 14.54
H2' ADP E . 5.75 6.63 13.38
HO2' ADP E . 5.03 4.86 12.43
H1' ADP E . 5.09 7.53 10.62
H8 ADP E . 5.76 10.43 12.85
HN61 ADP E . 11.90 9.26 11.72
HN62 ADP E . 10.77 10.41 12.39
H2 ADP E . 9.44 5.75 10.20
MG MG F . 0.08 12.66 15.41
MG MG G . 0.11 16.18 14.63
MG MG H . 5.74 -10.25 17.02
MG MG I . -7.46 -16.98 -4.54
#